data_3L22
#
_entry.id   3L22
#
_cell.length_a   94.034
_cell.length_b   94.034
_cell.length_c   201.581
_cell.angle_alpha   90.000
_cell.angle_beta   90.000
_cell.angle_gamma   90.000
#
_symmetry.space_group_name_H-M   'P 43 2 2'
#
loop_
_entity.id
_entity.type
_entity.pdbx_description
1 polymer 'SusD superfamily protein'
2 non-polymer 'ZINC ION'
3 non-polymer 'ACETATE ION'
4 non-polymer 1,2-ETHANEDIOL
5 water water
#
_entity_poly.entity_id   1
_entity_poly.type   'polypeptide(L)'
_entity_poly.pdbx_seq_one_letter_code
;GDQEPPLYVNENDIFTSPTRIEATLNGLYAAIKNTGTKSL(MSE)GGKSYLVFDNRGDDVINISNNLVTLFNTYN(MSE)
NVGITDAENADTWTYAYLAINKVNTFLQSLEGAREVAGENYDRYVQEAKFVRALAYYYLNNLYPTPYSVNPDAKSVPLRL
TAEAGTENNN(MSE)PRSTVKQIYEHILSDLENISALDTEVNTYTGVTHATQAAAN(MSE)LK(MSE)RVY(MSE)A
(MSE)NEWDKAITAGELVTGYSLPEDVTLIYKAPYFSQESIFSLP(MSE)ADTNIPNTQQSLAEYYYDGKI(MSE)LIDT
KSGI(MSE)SKPDYSLATDKRIIAFKGEKDLL(MSE)KFTDAKTKLQWVPIFRYAETLLDLAECYANKAGGEATAKSLLK
QVRGRSVDAATDPLNIDNLSGDALKEAIYNEKRLEFIGEGIRGIDI(MSE)RRGEHFIKVGENETINVGPSDEKYTWPIP
QVELLLNKDINK
;
_entity_poly.pdbx_strand_id   A
#
loop_
_chem_comp.id
_chem_comp.type
_chem_comp.name
_chem_comp.formula
ACT non-polymer 'ACETATE ION' 'C2 H3 O2 -1'
EDO non-polymer 1,2-ETHANEDIOL 'C2 H6 O2'
ZN non-polymer 'ZINC ION' 'Zn 2'
#
# COMPACT_ATOMS: atom_id res chain seq x y z
N ASP A 13 -19.27 -3.03 -23.69
CA ASP A 13 -17.88 -3.56 -23.88
C ASP A 13 -17.14 -3.05 -25.12
N ILE A 14 -17.77 -3.07 -26.29
CA ILE A 14 -17.34 -2.20 -27.41
C ILE A 14 -17.64 -0.78 -26.93
N PHE A 15 -16.71 0.14 -27.10
CA PHE A 15 -16.83 1.47 -26.53
C PHE A 15 -17.64 2.37 -27.42
N THR A 16 -18.94 2.14 -27.47
CA THR A 16 -19.83 2.92 -28.30
C THR A 16 -20.39 4.12 -27.55
N SER A 17 -20.15 4.24 -26.25
CA SER A 17 -20.66 5.40 -25.49
C SER A 17 -19.80 5.66 -24.29
N PRO A 18 -19.89 6.88 -23.74
CA PRO A 18 -19.11 7.21 -22.55
C PRO A 18 -19.46 6.31 -21.36
N THR A 19 -20.73 5.95 -21.19
CA THR A 19 -21.07 5.13 -20.04
C THR A 19 -20.43 3.73 -20.17
N ARG A 20 -20.27 3.21 -21.39
CA ARG A 20 -19.52 1.93 -21.58
C ARG A 20 -18.03 2.06 -21.28
N ILE A 21 -17.42 3.16 -21.68
CA ILE A 21 -16.01 3.42 -21.32
C ILE A 21 -15.86 3.45 -19.79
N GLU A 22 -16.72 4.22 -19.16
CA GLU A 22 -16.64 4.37 -17.73
C GLU A 22 -16.96 3.09 -16.96
N ALA A 23 -17.86 2.25 -17.45
CA ALA A 23 -18.11 0.97 -16.81
C ALA A 23 -16.85 0.14 -16.80
N THR A 24 -16.12 0.14 -17.92
CA THR A 24 -14.88 -0.63 -18.00
C THR A 24 -13.82 0.01 -17.14
N LEU A 25 -13.78 1.33 -17.08
CA LEU A 25 -12.83 2.02 -16.20
C LEU A 25 -13.06 1.67 -14.74
N ASN A 26 -14.32 1.72 -14.31
CA ASN A 26 -14.64 1.25 -12.95
C ASN A 26 -14.27 -0.19 -12.71
N GLY A 27 -14.32 -1.02 -13.74
CA GLY A 27 -13.84 -2.40 -13.62
C GLY A 27 -12.33 -2.48 -13.33
N LEU A 28 -11.56 -1.48 -13.76
CA LEU A 28 -10.12 -1.46 -13.43
C LEU A 28 -9.91 -1.27 -11.94
N TYR A 29 -10.68 -0.36 -11.35
CA TYR A 29 -10.62 -0.13 -9.92
C TYR A 29 -11.12 -1.36 -9.15
N ALA A 30 -12.14 -2.04 -9.67
CA ALA A 30 -12.63 -3.27 -9.03
C ALA A 30 -11.56 -4.34 -9.12
N ALA A 31 -10.85 -4.39 -10.25
CA ALA A 31 -9.87 -5.48 -10.48
C ALA A 31 -8.70 -5.43 -9.52
N ILE A 32 -8.32 -4.24 -9.04
CA ILE A 32 -7.24 -4.16 -8.06
C ILE A 32 -7.71 -4.36 -6.62
N LYS A 33 -9.03 -4.40 -6.41
CA LYS A 33 -9.64 -4.55 -5.09
C LYS A 33 -9.93 -6.04 -4.78
N ASN A 34 -10.95 -6.63 -5.43
CA ASN A 34 -11.26 -8.07 -5.28
C ASN A 34 -12.22 -8.53 -6.32
N THR A 35 -12.30 -9.84 -6.52
CA THR A 35 -13.39 -10.39 -7.30
C THR A 35 -14.40 -11.02 -6.34
N GLY A 36 -15.38 -11.70 -6.93
CA GLY A 36 -16.34 -12.48 -6.16
C GLY A 36 -15.74 -13.61 -5.35
N THR A 37 -14.59 -14.13 -5.76
CA THR A 37 -13.98 -15.27 -5.06
C THR A 37 -12.57 -15.06 -4.54
N LYS A 38 -11.84 -14.06 -5.03
CA LYS A 38 -10.44 -13.83 -4.64
C LYS A 38 -10.29 -12.35 -4.34
N SER A 39 -9.21 -12.00 -3.65
CA SER A 39 -8.98 -10.62 -3.30
C SER A 39 -7.58 -10.19 -3.64
N LEU A 40 -7.40 -8.89 -3.88
CA LEU A 40 -6.10 -8.31 -4.04
C LEU A 40 -5.95 -7.19 -2.98
N MSE A 41 -5.83 -5.93 -3.39
CA MSE A 41 -5.58 -4.84 -2.43
C MSE A 41 -6.82 -4.44 -1.63
O MSE A 41 -6.71 -3.66 -0.70
CB MSE A 41 -5.05 -3.64 -3.17
CG MSE A 41 -3.83 -3.94 -3.99
SE MSE A 41 -2.42 -5.06 -3.16
CE MSE A 41 -2.03 -3.90 -1.61
N GLY A 42 -7.98 -5.01 -1.94
CA GLY A 42 -9.18 -4.81 -1.14
C GLY A 42 -9.29 -5.85 -0.02
N GLY A 43 -8.33 -6.79 0.01
CA GLY A 43 -8.37 -7.90 0.95
C GLY A 43 -6.99 -8.45 1.30
N LYS A 44 -6.77 -9.72 0.95
CA LYS A 44 -5.59 -10.43 1.44
C LYS A 44 -4.25 -9.82 1.02
N SER A 45 -4.14 -9.26 -0.18
CA SER A 45 -2.84 -8.68 -0.63
C SER A 45 -2.50 -7.36 0.05
N TYR A 46 -3.49 -6.67 0.61
CA TYR A 46 -3.20 -5.54 1.48
C TYR A 46 -2.76 -6.03 2.85
N LEU A 47 -3.50 -7.02 3.38
CA LEU A 47 -3.14 -7.66 4.63
C LEU A 47 -1.72 -8.25 4.60
N VAL A 48 -1.28 -8.69 3.42
CA VAL A 48 0.08 -9.16 3.24
C VAL A 48 1.12 -8.17 3.76
N PHE A 49 0.92 -6.89 3.49
CA PHE A 49 1.91 -5.89 3.90
C PHE A 49 1.96 -5.65 5.42
N ASP A 50 0.84 -5.85 6.13
CA ASP A 50 0.88 -5.85 7.58
C ASP A 50 1.45 -7.11 8.15
N ASN A 51 1.10 -8.25 7.55
CA ASN A 51 1.69 -9.52 7.98
C ASN A 51 3.21 -9.59 7.79
N ARG A 52 3.73 -8.96 6.73
CA ARG A 52 5.17 -8.90 6.55
C ARG A 52 5.85 -8.06 7.59
N GLY A 53 5.15 -7.09 8.14
CA GLY A 53 5.65 -6.25 9.19
C GLY A 53 5.75 -6.86 10.58
N ASP A 54 5.99 -5.97 11.55
CA ASP A 54 6.38 -6.31 12.88
C ASP A 54 5.52 -5.62 13.96
N ASP A 55 4.39 -5.07 13.55
CA ASP A 55 3.50 -4.34 14.44
C ASP A 55 2.22 -5.08 14.81
N VAL A 56 1.85 -6.05 13.97
CA VAL A 56 0.79 -7.00 14.26
C VAL A 56 1.40 -8.38 14.25
N ILE A 57 0.69 -9.35 14.84
CA ILE A 57 1.08 -10.75 14.80
CA ILE A 57 1.07 -10.76 14.87
C ILE A 57 -0.04 -11.59 14.26
N ASN A 58 0.31 -12.64 13.53
CA ASN A 58 -0.63 -13.60 13.00
C ASN A 58 -0.50 -14.84 13.87
N ILE A 59 -1.57 -15.16 14.61
CA ILE A 59 -1.56 -16.32 15.50
C ILE A 59 -2.45 -17.47 14.98
N SER A 60 -2.80 -17.42 13.71
CA SER A 60 -3.82 -18.36 13.19
C SER A 60 -3.30 -19.77 13.01
N ASN A 61 -1.98 -19.91 12.83
CA ASN A 61 -1.36 -21.21 12.50
CA ASN A 61 -1.35 -21.19 12.49
C ASN A 61 -1.98 -21.82 11.25
N ASN A 62 -2.49 -21.01 10.35
CA ASN A 62 -3.24 -21.52 9.20
C ASN A 62 -2.74 -20.84 7.93
N LEU A 63 -2.24 -21.62 6.99
CA LEU A 63 -1.73 -21.13 5.72
C LEU A 63 -2.82 -20.43 4.88
N VAL A 64 -4.08 -20.84 5.06
CA VAL A 64 -5.22 -20.18 4.39
C VAL A 64 -5.36 -18.72 4.84
N THR A 65 -4.97 -18.40 6.08
CA THR A 65 -5.08 -17.02 6.56
C THR A 65 -3.71 -16.36 6.81
N LEU A 66 -2.81 -16.49 5.84
CA LEU A 66 -1.58 -15.67 5.70
C LEU A 66 -0.45 -16.02 6.72
N PHE A 67 -0.56 -17.15 7.40
CA PHE A 67 0.45 -17.51 8.37
C PHE A 67 1.86 -17.59 7.78
N ASN A 68 1.99 -18.14 6.58
CA ASN A 68 3.29 -18.20 5.92
C ASN A 68 3.84 -16.82 5.52
N THR A 69 2.96 -15.86 5.24
CA THR A 69 3.43 -14.51 4.99
C THR A 69 4.01 -13.92 6.25
N TYR A 70 3.30 -14.06 7.37
CA TYR A 70 3.76 -13.51 8.64
C TYR A 70 5.12 -14.10 9.05
N ASN A 71 5.23 -15.41 8.89
CA ASN A 71 6.44 -16.15 9.23
C ASN A 71 7.55 -16.05 8.20
N MSE A 72 7.37 -15.25 7.17
CA MSE A 72 8.41 -15.02 6.17
C MSE A 72 8.83 -16.35 5.55
O MSE A 72 10.01 -16.68 5.43
CB MSE A 72 9.63 -14.28 6.75
CG MSE A 72 9.29 -13.03 7.49
SE MSE A 72 8.41 -11.66 6.42
CE MSE A 72 9.92 -11.10 5.34
N ASN A 73 7.82 -17.11 5.14
CA ASN A 73 8.03 -18.47 4.69
C ASN A 73 7.24 -18.78 3.41
N VAL A 74 6.99 -17.77 2.59
CA VAL A 74 6.14 -17.97 1.40
C VAL A 74 6.96 -18.62 0.29
N GLY A 75 6.39 -19.70 -0.27
CA GLY A 75 6.99 -20.49 -1.34
C GLY A 75 6.23 -20.35 -2.66
N ILE A 76 6.63 -21.13 -3.64
CA ILE A 76 6.07 -21.01 -4.99
C ILE A 76 4.62 -21.45 -5.13
N THR A 77 4.07 -22.18 -4.14
CA THR A 77 2.68 -22.65 -4.26
C THR A 77 1.74 -22.02 -3.26
N ASP A 78 2.20 -21.13 -2.38
CA ASP A 78 1.30 -20.51 -1.40
C ASP A 78 0.18 -19.73 -2.07
N ALA A 79 -1.03 -19.87 -1.56
CA ALA A 79 -2.22 -19.22 -2.14
C ALA A 79 -2.04 -17.72 -2.30
N GLU A 80 -1.46 -17.06 -1.30
CA GLU A 80 -1.33 -15.60 -1.36
C GLU A 80 -0.34 -15.15 -2.46
N ASN A 81 0.64 -16.00 -2.77
CA ASN A 81 1.58 -15.74 -3.84
C ASN A 81 0.91 -15.91 -5.22
N ALA A 82 0.27 -17.05 -5.45
CA ALA A 82 -0.44 -17.30 -6.68
C ALA A 82 -1.56 -16.27 -6.93
N ASP A 83 -2.30 -15.95 -5.88
CA ASP A 83 -3.38 -15.00 -6.01
C ASP A 83 -2.91 -13.58 -6.27
N THR A 84 -1.90 -13.12 -5.53
CA THR A 84 -1.40 -11.78 -5.75
C THR A 84 -0.92 -11.63 -7.18
N TRP A 85 -0.14 -12.62 -7.63
CA TRP A 85 0.38 -12.66 -8.99
C TRP A 85 -0.74 -12.66 -10.05
N THR A 86 -1.59 -13.67 -9.98
CA THR A 86 -2.65 -13.84 -10.94
C THR A 86 -3.54 -12.60 -11.01
N TYR A 87 -3.97 -12.05 -9.85
CA TYR A 87 -4.94 -10.94 -9.92
C TYR A 87 -4.31 -9.58 -10.22
N ALA A 88 -3.06 -9.35 -9.82
CA ALA A 88 -2.32 -8.18 -10.25
C ALA A 88 -2.18 -8.17 -11.78
N TYR A 89 -1.75 -9.29 -12.36
CA TYR A 89 -1.56 -9.35 -13.81
C TYR A 89 -2.88 -9.31 -14.56
N LEU A 90 -3.95 -9.89 -14.00
CA LEU A 90 -5.27 -9.70 -14.57
C LEU A 90 -5.65 -8.23 -14.62
N ALA A 91 -5.50 -7.54 -13.50
CA ALA A 91 -5.73 -6.09 -13.45
C ALA A 91 -4.87 -5.35 -14.51
N ILE A 92 -3.58 -5.71 -14.61
CA ILE A 92 -2.68 -5.07 -15.57
C ILE A 92 -3.16 -5.29 -17.00
N ASN A 93 -3.56 -6.51 -17.33
CA ASN A 93 -4.00 -6.81 -18.69
C ASN A 93 -5.32 -6.10 -19.02
N LYS A 94 -6.21 -5.98 -18.02
CA LYS A 94 -7.41 -5.15 -18.18
C LYS A 94 -7.09 -3.71 -18.49
N VAL A 95 -6.09 -3.14 -17.84
CA VAL A 95 -5.67 -1.76 -18.18
C VAL A 95 -5.08 -1.71 -19.60
N ASN A 96 -4.21 -2.64 -19.95
CA ASN A 96 -3.58 -2.66 -21.28
C ASN A 96 -4.67 -2.72 -22.38
N THR A 97 -5.67 -3.58 -22.16
CA THR A 97 -6.81 -3.72 -23.07
C THR A 97 -7.70 -2.51 -23.12
N PHE A 98 -8.03 -1.96 -21.95
CA PHE A 98 -8.77 -0.71 -21.88
C PHE A 98 -8.08 0.37 -22.68
N LEU A 99 -6.77 0.58 -22.48
CA LEU A 99 -6.06 1.64 -23.20
C LEU A 99 -6.08 1.43 -24.70
N GLN A 100 -5.98 0.18 -25.16
CA GLN A 100 -6.02 -0.06 -26.59
C GLN A 100 -7.42 0.17 -27.15
N SER A 101 -8.45 -0.29 -26.45
CA SER A 101 -9.82 -0.01 -26.88
C SER A 101 -10.15 1.47 -26.88
N LEU A 102 -9.69 2.19 -25.86
CA LEU A 102 -9.96 3.63 -25.76
C LEU A 102 -9.35 4.40 -26.92
N GLU A 103 -8.22 3.91 -27.44
CA GLU A 103 -7.56 4.57 -28.58
CA GLU A 103 -7.57 4.57 -28.58
C GLU A 103 -8.46 4.61 -29.80
N GLY A 104 -9.31 3.59 -29.94
CA GLY A 104 -10.30 3.53 -31.01
C GLY A 104 -11.63 4.19 -30.70
N ALA A 105 -11.72 4.90 -29.58
CA ALA A 105 -12.97 5.52 -29.16
C ALA A 105 -12.76 6.97 -28.75
N ARG A 106 -11.83 7.64 -29.42
CA ARG A 106 -11.44 9.00 -29.05
C ARG A 106 -12.58 9.98 -29.07
N GLU A 107 -13.45 9.92 -30.10
CA GLU A 107 -14.60 10.83 -30.17
C GLU A 107 -15.66 10.54 -29.20
N VAL A 108 -15.95 9.27 -28.98
CA VAL A 108 -16.91 8.89 -27.93
C VAL A 108 -16.45 9.43 -26.57
N ALA A 109 -15.16 9.30 -26.26
CA ALA A 109 -14.64 9.83 -24.99
C ALA A 109 -14.69 11.37 -24.90
N GLY A 110 -14.62 12.07 -26.04
CA GLY A 110 -14.69 13.54 -26.05
C GLY A 110 -13.62 14.19 -25.16
N GLU A 111 -14.00 15.19 -24.40
CA GLU A 111 -13.06 15.98 -23.58
CA GLU A 111 -13.04 15.98 -23.61
C GLU A 111 -12.47 15.18 -22.42
N ASN A 112 -13.07 14.04 -22.09
CA ASN A 112 -12.62 13.21 -20.99
C ASN A 112 -11.60 12.13 -21.33
N TYR A 113 -11.23 12.04 -22.60
CA TYR A 113 -10.24 11.08 -23.06
C TYR A 113 -8.99 11.02 -22.14
N ASP A 114 -8.33 12.15 -21.90
CA ASP A 114 -7.08 12.16 -21.16
C ASP A 114 -7.23 11.72 -19.72
N ARG A 115 -8.31 12.13 -19.07
CA ARG A 115 -8.57 11.66 -17.74
C ARG A 115 -8.70 10.15 -17.69
N TYR A 116 -9.44 9.58 -18.63
CA TYR A 116 -9.63 8.12 -18.64
C TYR A 116 -8.29 7.37 -18.81
N VAL A 117 -7.44 7.88 -19.71
CA VAL A 117 -6.12 7.31 -19.92
C VAL A 117 -5.30 7.40 -18.66
N GLN A 118 -5.27 8.57 -18.06
CA GLN A 118 -4.37 8.82 -16.94
C GLN A 118 -4.84 8.03 -15.69
N GLU A 119 -6.15 7.87 -15.55
CA GLU A 119 -6.69 7.03 -14.47
C GLU A 119 -6.32 5.58 -14.65
N ALA A 120 -6.45 5.08 -15.86
CA ALA A 120 -6.14 3.69 -16.15
C ALA A 120 -4.63 3.42 -15.92
N LYS A 121 -3.78 4.34 -16.36
CA LYS A 121 -2.35 4.24 -16.11
C LYS A 121 -1.98 4.21 -14.62
N PHE A 122 -2.69 5.00 -13.81
CA PHE A 122 -2.52 5.00 -12.37
C PHE A 122 -2.78 3.58 -11.79
N VAL A 123 -3.88 2.94 -12.20
CA VAL A 123 -4.21 1.60 -11.76
C VAL A 123 -3.09 0.59 -12.15
N ARG A 124 -2.58 0.68 -13.37
CA ARG A 124 -1.46 -0.19 -13.77
C ARG A 124 -0.21 0.10 -12.95
N ALA A 125 0.04 1.37 -12.68
CA ALA A 125 1.19 1.81 -11.91
C ALA A 125 1.13 1.26 -10.46
N LEU A 126 -0.06 1.35 -9.86
CA LEU A 126 -0.26 0.83 -8.53
C LEU A 126 -0.05 -0.70 -8.45
N ALA A 127 -0.55 -1.41 -9.45
CA ALA A 127 -0.42 -2.86 -9.47
C ALA A 127 1.06 -3.26 -9.52
N TYR A 128 1.81 -2.64 -10.45
CA TYR A 128 3.25 -2.88 -10.53
C TYR A 128 4.00 -2.47 -9.26
N TYR A 129 3.56 -1.39 -8.61
CA TYR A 129 4.20 -0.93 -7.40
C TYR A 129 4.14 -1.99 -6.28
N TYR A 130 2.96 -2.58 -6.09
CA TYR A 130 2.83 -3.63 -5.10
C TYR A 130 3.64 -4.91 -5.45
N LEU A 131 3.68 -5.30 -6.72
CA LEU A 131 4.53 -6.42 -7.14
C LEU A 131 6.02 -6.12 -6.85
N ASN A 132 6.41 -4.87 -7.01
CA ASN A 132 7.80 -4.46 -6.85
C ASN A 132 8.21 -4.45 -5.38
N ASN A 133 7.25 -4.56 -4.47
CA ASN A 133 7.51 -4.64 -3.04
C ASN A 133 7.29 -6.03 -2.45
N LEU A 134 7.28 -7.06 -3.31
CA LEU A 134 7.22 -8.47 -2.90
C LEU A 134 8.32 -9.35 -3.52
N TYR A 135 8.54 -9.23 -4.82
CA TYR A 135 9.39 -10.15 -5.57
C TYR A 135 10.90 -9.81 -5.64
N PRO A 136 11.26 -8.52 -5.82
CA PRO A 136 12.69 -8.28 -5.92
C PRO A 136 13.32 -7.85 -4.60
N THR A 137 14.62 -8.07 -4.50
CA THR A 137 15.42 -7.35 -3.53
C THR A 137 15.16 -5.86 -3.73
N PRO A 138 15.04 -5.08 -2.64
CA PRO A 138 14.75 -3.66 -2.80
C PRO A 138 15.85 -2.88 -3.49
N TYR A 139 15.42 -1.85 -4.18
CA TYR A 139 16.30 -0.96 -4.93
C TYR A 139 17.43 -0.41 -4.05
N SER A 140 17.11 -0.09 -2.81
CA SER A 140 18.10 0.47 -1.89
C SER A 140 19.23 -0.50 -1.65
N VAL A 141 19.00 -1.80 -1.83
CA VAL A 141 20.07 -2.80 -1.71
C VAL A 141 20.68 -3.15 -3.05
N ASN A 142 19.87 -3.35 -4.07
CA ASN A 142 20.36 -3.70 -5.39
C ASN A 142 19.36 -3.26 -6.47
N PRO A 143 19.63 -2.12 -7.13
CA PRO A 143 18.75 -1.66 -8.21
C PRO A 143 18.65 -2.60 -9.39
N ASP A 144 19.64 -3.46 -9.61
CA ASP A 144 19.55 -4.42 -10.72
C ASP A 144 18.90 -5.77 -10.34
N ALA A 145 18.35 -5.88 -9.14
CA ALA A 145 17.69 -7.10 -8.73
C ALA A 145 16.50 -7.39 -9.63
N LYS A 146 16.32 -8.65 -10.01
CA LYS A 146 15.22 -9.02 -10.89
C LYS A 146 13.88 -8.97 -10.16
N SER A 147 12.89 -8.37 -10.81
CA SER A 147 11.57 -8.22 -10.23
C SER A 147 10.58 -9.09 -10.98
N VAL A 148 9.84 -8.52 -11.93
CA VAL A 148 8.69 -9.21 -12.54
C VAL A 148 8.66 -8.89 -14.04
N PRO A 149 7.99 -9.71 -14.87
CA PRO A 149 7.77 -9.35 -16.28
C PRO A 149 6.97 -8.09 -16.45
N LEU A 150 7.46 -7.19 -17.31
CA LEU A 150 6.82 -5.92 -17.53
C LEU A 150 5.87 -6.11 -18.72
N ARG A 151 4.66 -6.56 -18.44
CA ARG A 151 3.65 -6.83 -19.49
C ARG A 151 2.82 -5.57 -19.74
N LEU A 152 2.94 -5.02 -20.94
CA LEU A 152 2.28 -3.78 -21.29
C LEU A 152 1.41 -3.84 -22.55
N THR A 153 1.26 -5.00 -23.18
CA THR A 153 0.44 -5.13 -24.38
C THR A 153 -0.88 -5.78 -24.03
N ALA A 154 -1.92 -5.46 -24.80
CA ALA A 154 -3.25 -6.04 -24.62
C ALA A 154 -3.15 -7.47 -25.14
N GLU A 155 -3.37 -8.46 -24.28
CA GLU A 155 -3.15 -9.87 -24.67
C GLU A 155 -4.39 -10.66 -24.43
N ALA A 156 -4.90 -11.27 -25.50
CA ALA A 156 -6.03 -12.16 -25.43
C ALA A 156 -5.58 -13.61 -25.55
N GLY A 157 -4.29 -13.86 -25.82
CA GLY A 157 -3.78 -15.20 -26.08
C GLY A 157 -2.70 -15.61 -25.09
N THR A 158 -2.22 -16.85 -25.24
CA THR A 158 -1.04 -17.36 -24.50
C THR A 158 0.26 -17.23 -25.34
N GLU A 159 0.07 -16.79 -26.60
CA GLU A 159 1.17 -16.40 -27.52
CA GLU A 159 1.11 -16.27 -27.53
C GLU A 159 2.39 -15.74 -26.86
N ASN A 160 2.19 -14.80 -25.91
CA ASN A 160 3.32 -14.04 -25.31
C ASN A 160 3.62 -14.26 -23.83
N ASN A 161 3.38 -15.46 -23.33
CA ASN A 161 3.73 -15.78 -21.94
C ASN A 161 5.24 -15.73 -21.63
N ASN A 162 6.08 -16.05 -22.62
CA ASN A 162 7.52 -16.04 -22.38
C ASN A 162 8.06 -14.61 -22.33
N MSE A 163 8.60 -14.23 -21.17
CA MSE A 163 9.15 -12.90 -20.98
C MSE A 163 10.08 -12.87 -19.76
O MSE A 163 9.71 -13.33 -18.68
CB MSE A 163 8.06 -11.85 -20.76
CG MSE A 163 8.56 -10.45 -20.91
SE MSE A 163 7.19 -9.14 -20.61
CE MSE A 163 6.24 -9.29 -22.30
N PRO A 164 11.29 -12.29 -19.92
CA PRO A 164 12.14 -12.17 -18.77
C PRO A 164 11.62 -11.14 -17.77
N ARG A 165 12.16 -11.25 -16.56
CA ARG A 165 11.86 -10.31 -15.50
CA ARG A 165 11.85 -10.32 -15.49
C ARG A 165 12.62 -9.02 -15.75
N SER A 166 11.96 -7.88 -15.56
CA SER A 166 12.64 -6.59 -15.51
C SER A 166 13.22 -6.39 -14.12
N THR A 167 14.14 -5.43 -13.99
CA THR A 167 14.75 -5.15 -12.70
C THR A 167 13.82 -4.29 -11.80
N VAL A 168 14.07 -4.28 -10.50
CA VAL A 168 13.37 -3.40 -9.56
C VAL A 168 13.45 -1.93 -10.02
N LYS A 169 14.62 -1.49 -10.51
CA LYS A 169 14.76 -0.14 -11.07
CA LYS A 169 14.76 -0.14 -11.07
C LYS A 169 13.86 0.03 -12.31
N GLN A 170 13.87 -0.94 -13.20
CA GLN A 170 13.08 -0.81 -14.45
C GLN A 170 11.58 -0.72 -14.15
N ILE A 171 11.14 -1.47 -13.14
CA ILE A 171 9.71 -1.45 -12.81
C ILE A 171 9.35 -0.07 -12.24
N TYR A 172 10.17 0.46 -11.33
CA TYR A 172 9.95 1.80 -10.85
C TYR A 172 9.97 2.84 -11.95
N GLU A 173 10.87 2.68 -12.92
CA GLU A 173 11.00 3.66 -14.00
C GLU A 173 9.76 3.64 -14.88
N HIS A 174 9.18 2.46 -15.09
CA HIS A 174 7.94 2.38 -15.87
C HIS A 174 6.76 3.00 -15.08
N ILE A 175 6.69 2.72 -13.80
CA ILE A 175 5.68 3.35 -12.92
C ILE A 175 5.75 4.86 -13.05
N LEU A 176 6.96 5.42 -13.08
CA LEU A 176 7.09 6.86 -13.23
C LEU A 176 6.57 7.32 -14.59
N SER A 177 6.79 6.52 -15.63
CA SER A 177 6.18 6.82 -16.93
C SER A 177 4.64 6.84 -16.91
N ASP A 178 4.04 5.88 -16.23
CA ASP A 178 2.59 5.84 -16.11
C ASP A 178 2.04 6.99 -15.26
N LEU A 179 2.90 7.66 -14.49
CA LEU A 179 2.49 8.78 -13.67
C LEU A 179 3.03 10.12 -14.20
N GLU A 180 3.56 10.12 -15.41
CA GLU A 180 4.25 11.32 -15.88
C GLU A 180 3.34 12.43 -16.35
N ASN A 181 2.20 12.07 -16.90
CA ASN A 181 1.21 13.07 -17.27
CA ASN A 181 1.15 13.01 -17.35
C ASN A 181 -0.06 12.88 -16.45
N ILE A 182 -0.30 13.83 -15.56
CA ILE A 182 -1.41 13.76 -14.63
C ILE A 182 -2.34 14.95 -14.68
N SER A 183 -2.15 15.84 -15.64
CA SER A 183 -2.87 17.12 -15.61
C SER A 183 -4.33 17.00 -15.98
N ALA A 184 -4.78 15.86 -16.50
CA ALA A 184 -6.20 15.68 -16.77
C ALA A 184 -6.89 14.98 -15.61
N LEU A 185 -6.13 14.49 -14.62
CA LEU A 185 -6.76 13.87 -13.49
C LEU A 185 -7.54 14.88 -12.65
N ASP A 186 -8.59 14.38 -12.00
CA ASP A 186 -9.45 15.18 -11.10
C ASP A 186 -8.69 15.63 -9.83
N THR A 187 -9.24 16.63 -9.15
CA THR A 187 -8.64 17.20 -7.96
C THR A 187 -9.59 17.37 -6.78
N GLU A 188 -10.71 16.64 -6.73
CA GLU A 188 -11.74 16.87 -5.72
C GLU A 188 -11.28 16.27 -4.37
N VAL A 189 -11.62 16.95 -3.29
CA VAL A 189 -11.32 16.56 -1.93
C VAL A 189 -12.67 16.29 -1.28
N ASN A 190 -12.75 15.23 -0.45
CA ASN A 190 -13.96 14.91 0.30
C ASN A 190 -15.24 14.69 -0.55
N THR A 191 -15.11 14.01 -1.68
CA THR A 191 -16.27 13.51 -2.43
C THR A 191 -16.01 12.03 -2.73
N TYR A 192 -17.07 11.25 -2.89
CA TYR A 192 -16.94 9.83 -3.29
C TYR A 192 -16.02 9.67 -4.49
N THR A 193 -16.26 10.45 -5.53
CA THR A 193 -15.48 10.34 -6.77
C THR A 193 -14.03 10.76 -6.59
N GLY A 194 -13.80 11.78 -5.77
CA GLY A 194 -12.45 12.24 -5.48
C GLY A 194 -11.62 11.23 -4.69
N VAL A 195 -12.28 10.40 -3.87
CA VAL A 195 -11.54 9.44 -3.04
C VAL A 195 -11.43 8.10 -3.73
N THR A 196 -12.38 7.73 -4.61
CA THR A 196 -12.42 6.40 -5.17
C THR A 196 -11.94 6.32 -6.63
N HIS A 197 -11.73 7.47 -7.30
CA HIS A 197 -10.96 7.53 -8.56
C HIS A 197 -9.64 8.19 -8.24
N ALA A 198 -8.63 7.89 -9.05
CA ALA A 198 -7.32 8.53 -8.95
C ALA A 198 -7.39 10.02 -9.28
N THR A 199 -6.95 10.82 -8.32
CA THR A 199 -6.76 12.24 -8.46
C THR A 199 -5.29 12.55 -8.73
N GLN A 200 -4.99 13.80 -9.05
CA GLN A 200 -3.62 14.24 -9.12
C GLN A 200 -2.91 13.97 -7.80
N ALA A 201 -3.58 14.25 -6.67
CA ALA A 201 -3.01 13.91 -5.33
C ALA A 201 -2.65 12.44 -5.18
N ALA A 202 -3.52 11.54 -5.62
CA ALA A 202 -3.23 10.12 -5.55
C ALA A 202 -1.98 9.72 -6.39
N ALA A 203 -1.92 10.23 -7.61
CA ALA A 203 -0.82 9.97 -8.50
C ALA A 203 0.50 10.48 -7.87
N ASN A 204 0.44 11.67 -7.29
CA ASN A 204 1.61 12.26 -6.63
C ASN A 204 2.03 11.53 -5.37
N MSE A 205 1.07 10.96 -4.64
CA MSE A 205 1.40 10.12 -3.49
C MSE A 205 2.17 8.87 -3.96
O MSE A 205 3.16 8.49 -3.35
CB MSE A 205 0.14 9.69 -2.73
CG MSE A 205 -0.47 10.77 -1.89
SE MSE A 205 0.76 11.37 -0.48
CE MSE A 205 0.78 9.69 0.58
N LEU A 206 1.72 8.25 -5.06
CA LEU A 206 2.40 7.05 -5.56
C LEU A 206 3.82 7.43 -6.05
N LYS A 207 3.90 8.57 -6.73
CA LYS A 207 5.16 9.07 -7.25
C LYS A 207 6.09 9.34 -6.04
N MSE A 208 5.58 9.94 -4.99
CA MSE A 208 6.40 10.13 -3.82
C MSE A 208 6.90 8.82 -3.24
O MSE A 208 8.10 8.72 -2.94
CB MSE A 208 5.69 10.92 -2.74
CG MSE A 208 6.56 11.04 -1.49
SE MSE A 208 6.01 12.44 -0.23
CE MSE A 208 4.34 11.93 -0.15
N ARG A 209 6.03 7.81 -3.09
CA ARG A 209 6.46 6.53 -2.60
C ARG A 209 7.56 5.91 -3.45
N VAL A 210 7.41 6.01 -4.76
CA VAL A 210 8.38 5.45 -5.66
C VAL A 210 9.72 6.16 -5.48
N TYR A 211 9.71 7.49 -5.51
CA TYR A 211 10.97 8.21 -5.35
C TYR A 211 11.63 7.95 -4.00
N MSE A 212 10.85 7.80 -2.93
CA MSE A 212 11.46 7.44 -1.64
C MSE A 212 12.16 6.09 -1.68
O MSE A 212 13.26 5.93 -1.11
CB MSE A 212 10.44 7.44 -0.51
CG MSE A 212 9.98 8.83 -0.20
SE MSE A 212 8.54 8.81 1.12
CE MSE A 212 9.47 8.49 2.66
N ALA A 213 11.56 5.12 -2.40
CA ALA A 213 12.15 3.78 -2.51
C ALA A 213 13.50 3.86 -3.25
N MSE A 214 13.71 4.95 -4.03
CA MSE A 214 14.95 5.12 -4.79
CA MSE A 214 14.93 5.15 -4.81
C MSE A 214 15.89 6.14 -4.16
O MSE A 214 16.89 6.53 -4.75
CB MSE A 214 14.62 5.50 -6.24
CB MSE A 214 14.55 5.59 -6.22
CG MSE A 214 13.94 4.35 -6.99
CG MSE A 214 13.56 4.64 -6.94
SE MSE A 214 13.98 4.61 -8.92
SE MSE A 214 12.91 5.36 -8.62
CE MSE A 214 12.77 6.11 -9.05
CE MSE A 214 14.30 4.66 -9.77
N ASN A 215 15.60 6.54 -2.92
CA ASN A 215 16.36 7.54 -2.19
C ASN A 215 16.41 8.88 -2.90
N GLU A 216 15.40 9.19 -3.71
CA GLU A 216 15.32 10.44 -4.45
C GLU A 216 14.50 11.43 -3.65
N TRP A 217 15.10 11.92 -2.56
CA TRP A 217 14.37 12.65 -1.53
C TRP A 217 13.82 13.98 -2.07
N ASP A 218 14.60 14.65 -2.90
CA ASP A 218 14.15 15.91 -3.50
C ASP A 218 12.99 15.73 -4.50
N LYS A 219 13.07 14.72 -5.34
CA LYS A 219 12.00 14.45 -6.29
C LYS A 219 10.74 13.97 -5.54
N ALA A 220 10.93 13.24 -4.45
CA ALA A 220 9.80 12.81 -3.60
C ALA A 220 9.08 14.01 -2.99
N ILE A 221 9.85 14.95 -2.46
CA ILE A 221 9.32 16.19 -1.90
C ILE A 221 8.53 17.00 -2.89
N THR A 222 9.08 17.18 -4.10
CA THR A 222 8.36 17.90 -5.12
C THR A 222 6.97 17.27 -5.39
N ALA A 223 6.92 15.93 -5.55
CA ALA A 223 5.65 15.23 -5.74
C ALA A 223 4.71 15.43 -4.57
N GLY A 224 5.19 15.16 -3.36
CA GLY A 224 4.32 15.19 -2.19
C GLY A 224 3.83 16.57 -1.81
N GLU A 225 4.62 17.60 -2.09
CA GLU A 225 4.20 18.99 -1.84
C GLU A 225 3.12 19.46 -2.79
N LEU A 226 2.88 18.74 -3.90
CA LEU A 226 1.73 19.00 -4.75
C LEU A 226 0.38 18.54 -4.16
N VAL A 227 0.38 17.74 -3.09
CA VAL A 227 -0.84 17.24 -2.47
C VAL A 227 -1.41 18.35 -1.60
N THR A 228 -2.43 19.04 -2.09
CA THR A 228 -2.99 20.19 -1.38
C THR A 228 -4.49 19.98 -1.17
N GLY A 229 -5.03 20.73 -0.22
CA GLY A 229 -6.48 20.79 0.03
C GLY A 229 -7.00 19.81 1.07
N TYR A 230 -6.14 18.92 1.58
CA TYR A 230 -6.55 17.93 2.60
C TYR A 230 -6.23 18.45 4.00
N SER A 231 -6.75 17.78 5.02
CA SER A 231 -6.43 18.15 6.38
C SER A 231 -6.48 16.93 7.29
N LEU A 232 -6.10 17.13 8.55
CA LEU A 232 -6.12 16.10 9.54
C LEU A 232 -7.25 16.42 10.48
N PRO A 233 -8.39 15.73 10.32
CA PRO A 233 -9.47 15.92 11.31
C PRO A 233 -9.02 15.50 12.73
N GLU A 234 -9.59 16.12 13.75
CA GLU A 234 -9.26 15.77 15.13
C GLU A 234 -9.71 14.35 15.57
N ASP A 235 -10.70 13.82 14.89
CA ASP A 235 -11.26 12.49 15.22
C ASP A 235 -10.57 11.47 14.31
N VAL A 236 -9.76 10.59 14.89
CA VAL A 236 -9.03 9.56 14.10
C VAL A 236 -9.90 8.37 13.66
N THR A 237 -11.18 8.30 14.07
CA THR A 237 -12.06 7.17 13.75
C THR A 237 -12.91 7.38 12.48
N LEU A 238 -12.88 8.57 11.90
CA LEU A 238 -13.83 8.93 10.84
C LEU A 238 -13.79 8.01 9.64
N ILE A 239 -12.60 7.63 9.24
CA ILE A 239 -12.43 6.92 7.97
C ILE A 239 -12.84 5.44 8.03
N TYR A 240 -13.10 4.90 9.23
CA TYR A 240 -13.50 3.51 9.39
C TYR A 240 -15.02 3.35 9.60
N LYS A 241 -15.78 4.45 9.52
CA LYS A 241 -17.23 4.41 9.63
C LYS A 241 -17.87 5.31 8.58
N ALA A 242 -19.15 5.08 8.35
CA ALA A 242 -19.90 5.78 7.29
C ALA A 242 -19.57 7.27 7.34
N PRO A 243 -19.30 7.90 6.18
CA PRO A 243 -19.33 7.41 4.80
C PRO A 243 -18.03 6.75 4.30
N TYR A 244 -17.12 6.50 5.23
CA TYR A 244 -15.84 5.82 5.04
C TYR A 244 -14.76 6.66 4.39
N PHE A 245 -14.92 7.98 4.42
CA PHE A 245 -13.87 8.90 3.99
C PHE A 245 -14.09 10.22 4.70
N SER A 246 -13.05 11.04 4.72
CA SER A 246 -13.06 12.30 5.39
C SER A 246 -12.25 13.28 4.53
N GLN A 247 -12.07 14.50 5.03
CA GLN A 247 -11.14 15.46 4.42
C GLN A 247 -9.66 15.04 4.44
N GLU A 248 -9.33 13.95 5.16
CA GLU A 248 -7.99 13.36 5.14
C GLU A 248 -7.77 12.36 3.99
N SER A 249 -8.85 11.88 3.38
CA SER A 249 -8.80 10.71 2.50
C SER A 249 -8.39 11.13 1.10
N ILE A 250 -7.29 10.56 0.61
CA ILE A 250 -6.83 10.87 -0.73
C ILE A 250 -7.33 9.82 -1.68
N PHE A 251 -7.01 8.56 -1.42
CA PHE A 251 -7.43 7.47 -2.31
C PHE A 251 -7.72 6.20 -1.48
N SER A 252 -8.88 5.59 -1.75
CA SER A 252 -9.34 4.38 -1.09
C SER A 252 -10.08 3.48 -2.04
N LEU A 253 -10.20 2.23 -1.66
CA LEU A 253 -10.97 1.22 -2.42
C LEU A 253 -12.31 1.04 -1.70
N PRO A 254 -13.40 1.46 -2.35
CA PRO A 254 -14.71 1.42 -1.69
C PRO A 254 -15.32 0.06 -1.79
N MSE A 255 -16.26 -0.24 -0.91
CA MSE A 255 -16.99 -1.52 -0.91
C MSE A 255 -18.47 -1.23 -0.99
O MSE A 255 -18.95 -0.19 -0.51
CB MSE A 255 -16.75 -2.20 0.42
CG MSE A 255 -15.34 -2.60 0.71
SE MSE A 255 -14.83 -4.08 -0.45
CE MSE A 255 -12.89 -4.10 -0.05
N ALA A 256 -19.20 -2.18 -1.55
CA ALA A 256 -20.63 -2.18 -1.64
C ALA A 256 -21.11 -3.59 -1.35
N ASP A 257 -22.36 -3.70 -0.91
CA ASP A 257 -22.92 -4.98 -0.49
C ASP A 257 -22.72 -6.05 -1.56
N THR A 258 -22.78 -5.66 -2.83
CA THR A 258 -22.74 -6.58 -3.91
C THR A 258 -21.31 -6.90 -4.39
N ASN A 259 -20.27 -6.35 -3.78
CA ASN A 259 -18.90 -6.63 -4.25
C ASN A 259 -17.90 -6.83 -3.12
N ILE A 260 -18.39 -7.06 -1.90
CA ILE A 260 -17.51 -7.32 -0.76
C ILE A 260 -16.68 -8.61 -0.97
N PRO A 261 -15.55 -8.75 -0.27
CA PRO A 261 -14.78 -9.98 -0.43
C PRO A 261 -15.49 -11.19 0.15
N ASN A 262 -15.14 -12.36 -0.37
CA ASN A 262 -15.73 -13.62 0.07
C ASN A 262 -15.12 -14.08 1.44
N THR A 263 -15.44 -15.31 1.87
CA THR A 263 -15.06 -15.80 3.19
C THR A 263 -13.61 -15.67 3.49
N GLN A 264 -13.35 -15.05 4.64
CA GLN A 264 -11.99 -14.79 5.13
C GLN A 264 -11.10 -14.11 4.12
N GLN A 265 -11.63 -13.12 3.43
CA GLN A 265 -10.81 -12.30 2.53
CA GLN A 265 -10.82 -12.30 2.53
C GLN A 265 -10.84 -10.83 2.87
N SER A 266 -11.73 -10.40 3.77
CA SER A 266 -11.82 -8.99 4.09
C SER A 266 -10.89 -8.63 5.25
N LEU A 267 -10.52 -7.36 5.29
CA LEU A 267 -9.78 -6.82 6.43
C LEU A 267 -10.44 -7.12 7.78
N ALA A 268 -11.72 -6.84 7.90
CA ALA A 268 -12.41 -7.02 9.17
C ALA A 268 -12.40 -8.45 9.65
N GLU A 269 -12.44 -9.39 8.72
CA GLU A 269 -12.41 -10.80 9.07
C GLU A 269 -11.06 -11.22 9.68
N TYR A 270 -10.01 -10.48 9.40
CA TYR A 270 -8.67 -10.78 9.94
C TYR A 270 -8.41 -10.20 11.34
N TYR A 271 -9.19 -9.20 11.75
CA TYR A 271 -8.97 -8.46 12.99
C TYR A 271 -10.08 -8.61 14.04
N TYR A 272 -11.31 -8.88 13.63
CA TYR A 272 -12.46 -8.68 14.49
C TYR A 272 -12.60 -9.62 15.66
N ASP A 273 -12.06 -10.83 15.59
CA ASP A 273 -12.33 -11.81 16.64
C ASP A 273 -11.12 -12.33 17.41
N GLY A 274 -9.94 -11.80 17.13
CA GLY A 274 -8.73 -12.26 17.83
C GLY A 274 -8.17 -13.60 17.41
N LYS A 275 -8.77 -14.27 16.43
CA LYS A 275 -8.30 -15.60 16.03
C LYS A 275 -7.26 -15.56 14.91
N ILE A 276 -7.03 -14.40 14.32
CA ILE A 276 -6.04 -14.32 13.25
C ILE A 276 -4.97 -13.30 13.60
N MSE A 277 -5.27 -11.99 13.39
CA MSE A 277 -4.32 -10.93 13.67
C MSE A 277 -4.60 -10.33 15.04
O MSE A 277 -5.76 -10.12 15.41
CB MSE A 277 -4.40 -9.82 12.63
CG MSE A 277 -4.36 -10.25 11.18
SE MSE A 277 -2.83 -11.29 10.68
CE MSE A 277 -1.48 -9.96 11.05
N LEU A 278 -3.52 -10.06 15.78
CA LEU A 278 -3.52 -9.27 17.00
C LEU A 278 -2.46 -8.18 16.85
N ILE A 279 -2.58 -7.15 17.68
CA ILE A 279 -1.52 -6.17 17.85
C ILE A 279 -0.33 -6.88 18.50
N ASP A 280 0.88 -6.66 17.97
CA ASP A 280 2.12 -7.13 18.65
C ASP A 280 2.47 -6.20 19.81
N THR A 281 1.91 -6.51 20.97
CA THR A 281 2.17 -5.68 22.14
C THR A 281 3.44 -6.13 22.89
N LYS A 282 4.03 -7.28 22.57
CA LYS A 282 5.30 -7.67 23.20
C LYS A 282 6.49 -6.87 22.65
N SER A 283 6.53 -6.67 21.35
CA SER A 283 7.71 -6.18 20.65
C SER A 283 7.49 -5.18 19.53
N GLY A 284 6.24 -4.93 19.12
CA GLY A 284 5.95 -4.02 18.02
C GLY A 284 5.79 -2.59 18.52
N ILE A 285 5.28 -1.71 17.65
CA ILE A 285 5.18 -0.30 17.94
C ILE A 285 4.41 -0.01 19.23
N MSE A 286 3.34 -0.74 19.47
CA MSE A 286 2.54 -0.48 20.66
C MSE A 286 3.12 -1.11 21.92
O MSE A 286 2.50 -0.97 22.95
CB MSE A 286 1.07 -0.91 20.44
CG MSE A 286 0.38 -0.08 19.40
SE MSE A 286 -1.55 -0.31 19.61
CE MSE A 286 -2.33 0.56 18.12
N SER A 287 4.28 -1.77 21.84
CA SER A 287 5.05 -2.13 23.02
C SER A 287 5.93 -0.99 23.49
N LYS A 288 6.09 0.06 22.70
CA LYS A 288 6.99 1.13 23.09
C LYS A 288 6.24 2.20 23.88
N PRO A 289 6.80 2.68 25.02
CA PRO A 289 5.96 3.59 25.82
CA PRO A 289 6.13 3.68 25.89
C PRO A 289 5.54 4.92 25.17
N ASP A 290 6.35 5.56 24.32
CA ASP A 290 5.90 6.76 23.62
C ASP A 290 4.86 6.54 22.51
N TYR A 291 4.60 5.29 22.15
CA TYR A 291 3.68 4.95 21.11
C TYR A 291 2.60 4.04 21.66
N SER A 292 2.39 4.09 22.98
CA SER A 292 1.27 3.42 23.61
C SER A 292 0.70 4.24 24.74
N LEU A 293 0.74 5.56 24.63
CA LEU A 293 0.27 6.42 25.70
C LEU A 293 -1.25 6.29 25.86
N ALA A 294 -1.70 6.15 27.09
CA ALA A 294 -3.09 5.90 27.41
C ALA A 294 -4.01 7.01 26.86
N THR A 295 -3.50 8.24 26.75
CA THR A 295 -4.32 9.34 26.25
C THR A 295 -4.09 9.64 24.76
N ASP A 296 -3.29 8.83 24.06
CA ASP A 296 -3.13 8.95 22.60
C ASP A 296 -4.47 8.54 21.96
N LYS A 297 -5.00 9.36 21.08
CA LYS A 297 -6.30 9.04 20.40
C LYS A 297 -6.33 7.71 19.68
N ARG A 298 -5.20 7.30 19.10
CA ARG A 298 -5.07 6.07 18.37
C ARG A 298 -5.08 4.85 19.30
N ILE A 299 -4.50 5.01 20.49
CA ILE A 299 -4.51 3.98 21.52
C ILE A 299 -5.93 3.83 22.08
N ILE A 300 -6.57 4.96 22.42
CA ILE A 300 -7.94 4.97 22.90
C ILE A 300 -8.86 4.32 21.87
N ALA A 301 -8.70 4.67 20.58
CA ALA A 301 -9.64 4.17 19.55
C ALA A 301 -9.35 2.74 19.15
N PHE A 302 -8.07 2.39 19.04
CA PHE A 302 -7.71 1.16 18.31
C PHE A 302 -7.00 0.06 19.10
N LYS A 303 -6.50 0.36 20.31
CA LYS A 303 -5.83 -0.68 21.09
C LYS A 303 -6.88 -1.42 21.91
N GLY A 304 -7.39 -2.52 21.37
CA GLY A 304 -8.52 -3.22 21.99
C GLY A 304 -8.12 -4.11 23.15
N GLU A 305 -9.13 -4.48 23.93
CA GLU A 305 -8.91 -5.50 24.95
CA GLU A 305 -9.06 -5.56 24.92
C GLU A 305 -8.54 -6.81 24.22
N LYS A 306 -7.64 -7.54 24.86
CA LYS A 306 -7.07 -8.80 24.36
C LYS A 306 -6.22 -8.55 23.13
N ASP A 307 -5.75 -7.31 22.93
CA ASP A 307 -4.85 -6.96 21.84
C ASP A 307 -5.50 -7.05 20.41
N LEU A 308 -6.81 -6.97 20.31
CA LEU A 308 -7.43 -6.82 19.03
C LEU A 308 -7.18 -5.40 18.49
N LEU A 309 -6.83 -5.27 17.21
CA LEU A 309 -6.77 -3.98 16.56
C LEU A 309 -8.19 -3.56 16.12
N MSE A 310 -8.69 -2.42 16.60
CA MSE A 310 -10.10 -2.04 16.40
CA MSE A 310 -10.10 -2.03 16.42
C MSE A 310 -10.34 -1.11 15.22
O MSE A 310 -11.37 -0.43 15.17
CB MSE A 310 -10.70 -1.45 17.67
CB MSE A 310 -10.69 -1.39 17.71
CG MSE A 310 -10.42 -2.29 18.93
CG MSE A 310 -10.29 -2.09 19.05
SE MSE A 310 -11.34 -3.99 18.84
SE MSE A 310 -11.56 -1.88 20.58
CE MSE A 310 -13.18 -3.34 19.01
CE MSE A 310 -10.92 -0.25 21.46
N LYS A 311 -9.45 -1.08 14.24
CA LYS A 311 -9.74 -0.29 13.03
C LYS A 311 -10.84 -0.93 12.17
N PHE A 312 -10.64 -2.17 11.77
CA PHE A 312 -11.52 -2.86 10.84
C PHE A 312 -12.15 -4.01 11.57
N THR A 313 -13.32 -3.78 12.16
CA THR A 313 -14.00 -4.83 12.88
C THR A 313 -15.42 -5.14 12.40
N ASP A 314 -15.88 -4.56 11.29
CA ASP A 314 -17.22 -4.89 10.84
C ASP A 314 -17.16 -6.06 9.86
N ALA A 315 -17.12 -7.25 10.42
CA ALA A 315 -16.95 -8.47 9.62
C ALA A 315 -18.32 -8.92 9.10
N LYS A 316 -19.40 -8.43 9.71
CA LYS A 316 -20.75 -8.74 9.27
C LYS A 316 -21.00 -8.16 7.88
N THR A 317 -20.75 -6.87 7.67
CA THR A 317 -21.08 -6.25 6.38
C THR A 317 -19.89 -6.16 5.43
N LYS A 318 -18.70 -6.08 6.01
CA LYS A 318 -17.45 -5.94 5.30
C LYS A 318 -17.37 -4.62 4.50
N LEU A 319 -18.18 -3.63 4.90
CA LEU A 319 -18.35 -2.42 4.07
C LEU A 319 -17.25 -1.37 4.30
N GLN A 320 -16.35 -1.59 5.24
CA GLN A 320 -15.32 -0.58 5.50
C GLN A 320 -14.39 -0.47 4.29
N TRP A 321 -14.17 0.77 3.86
CA TRP A 321 -13.24 1.04 2.77
C TRP A 321 -11.77 0.79 3.16
N VAL A 322 -10.97 0.36 2.18
CA VAL A 322 -9.57 0.12 2.35
C VAL A 322 -8.86 1.43 1.99
N PRO A 323 -8.23 2.09 2.98
CA PRO A 323 -7.51 3.34 2.75
C PRO A 323 -6.10 3.11 2.19
N ILE A 324 -5.86 3.59 0.97
CA ILE A 324 -4.54 3.44 0.33
C ILE A 324 -3.64 4.63 0.69
N PHE A 325 -4.10 5.84 0.42
CA PHE A 325 -3.40 7.07 0.74
C PHE A 325 -4.30 8.00 1.54
N ARG A 326 -3.79 8.49 2.67
CA ARG A 326 -4.42 9.59 3.38
C ARG A 326 -3.39 10.61 3.81
N TYR A 327 -3.87 11.80 4.17
CA TYR A 327 -2.98 12.94 4.34
C TYR A 327 -1.96 12.82 5.48
N ALA A 328 -2.24 12.09 6.57
CA ALA A 328 -1.21 11.87 7.56
C ALA A 328 0.00 11.19 6.93
N GLU A 329 -0.22 10.33 5.93
CA GLU A 329 0.90 9.71 5.22
C GLU A 329 1.72 10.75 4.44
N THR A 330 1.02 11.65 3.74
CA THR A 330 1.68 12.73 3.00
C THR A 330 2.67 13.42 3.93
N LEU A 331 2.22 13.77 5.13
CA LEU A 331 3.04 14.51 6.10
C LEU A 331 4.23 13.71 6.65
N LEU A 332 3.99 12.48 7.05
CA LEU A 332 5.04 11.65 7.58
C LEU A 332 6.03 11.21 6.51
N ASP A 333 5.58 10.98 5.28
CA ASP A 333 6.48 10.68 4.16
C ASP A 333 7.38 11.91 3.91
N LEU A 334 6.77 13.09 3.80
CA LEU A 334 7.52 14.35 3.67
C LEU A 334 8.50 14.55 4.82
N ALA A 335 8.07 14.24 6.05
CA ALA A 335 8.99 14.32 7.20
C ALA A 335 10.21 13.45 6.95
N GLU A 336 10.00 12.20 6.48
CA GLU A 336 11.12 11.30 6.24
C GLU A 336 12.04 11.88 5.16
N CYS A 337 11.46 12.39 4.07
CA CYS A 337 12.26 12.99 3.00
C CYS A 337 13.12 14.13 3.50
N TYR A 338 12.52 15.03 4.26
CA TYR A 338 13.25 16.20 4.76
C TYR A 338 14.33 15.81 5.79
N ALA A 339 14.07 14.78 6.59
CA ALA A 339 15.08 14.28 7.55
C ALA A 339 16.31 13.71 6.82
N ASN A 340 16.15 13.29 5.56
CA ASN A 340 17.24 12.78 4.73
C ASN A 340 17.93 13.86 3.91
N LYS A 341 17.57 15.13 4.12
CA LYS A 341 18.02 16.24 3.28
C LYS A 341 18.82 17.21 4.15
N ALA A 342 20.01 17.62 3.69
CA ALA A 342 20.85 18.59 4.38
C ALA A 342 20.03 19.87 4.61
N GLY A 343 19.98 20.33 5.86
CA GLY A 343 19.16 21.51 6.20
C GLY A 343 17.67 21.26 6.39
N GLY A 344 17.21 20.01 6.23
CA GLY A 344 15.81 19.73 6.30
C GLY A 344 15.20 19.40 7.65
N GLU A 345 15.99 19.41 8.72
CA GLU A 345 15.50 18.90 10.01
C GLU A 345 14.38 19.73 10.63
N ALA A 346 14.48 21.05 10.58
CA ALA A 346 13.44 21.94 11.09
C ALA A 346 12.11 21.65 10.42
N THR A 347 12.12 21.45 9.12
CA THR A 347 10.89 21.12 8.40
C THR A 347 10.35 19.74 8.76
N ALA A 348 11.25 18.78 8.88
CA ALA A 348 10.87 17.39 9.25
C ALA A 348 10.15 17.40 10.60
N LYS A 349 10.72 18.17 11.53
CA LYS A 349 10.15 18.29 12.87
C LYS A 349 8.77 18.93 12.84
N SER A 350 8.58 19.96 12.03
CA SER A 350 7.26 20.62 11.97
CA SER A 350 7.28 20.63 11.94
C SER A 350 6.22 19.68 11.36
N LEU A 351 6.61 18.90 10.35
CA LEU A 351 5.73 17.91 9.73
C LEU A 351 5.35 16.79 10.73
N LEU A 352 6.35 16.24 11.43
CA LEU A 352 6.12 15.22 12.49
C LEU A 352 5.16 15.76 13.54
N LYS A 353 5.38 17.01 13.98
CA LYS A 353 4.52 17.58 15.01
CA LYS A 353 4.53 17.62 15.00
C LYS A 353 3.05 17.67 14.55
N GLN A 354 2.79 17.98 13.29
CA GLN A 354 1.41 18.03 12.83
C GLN A 354 0.69 16.71 13.04
N VAL A 355 1.34 15.62 12.65
CA VAL A 355 0.70 14.32 12.72
C VAL A 355 0.59 13.86 14.18
N ARG A 356 1.69 13.92 14.92
CA ARG A 356 1.66 13.42 16.30
C ARG A 356 0.71 14.27 17.16
N GLY A 357 0.77 15.59 16.99
CA GLY A 357 -0.12 16.51 17.71
C GLY A 357 -1.60 16.33 17.48
N ARG A 358 -1.97 15.76 16.33
CA ARG A 358 -3.36 15.41 16.10
C ARG A 358 -3.87 14.39 17.12
N SER A 359 -2.99 13.46 17.53
CA SER A 359 -3.38 12.37 18.43
C SER A 359 -2.87 12.45 19.88
N VAL A 360 -1.76 13.18 20.08
CA VAL A 360 -1.04 13.22 21.37
C VAL A 360 -0.90 14.67 21.80
N ASP A 361 -1.42 15.03 22.97
CA ASP A 361 -1.25 16.40 23.50
C ASP A 361 0.22 16.78 23.78
N ALA A 362 0.67 17.85 23.14
CA ALA A 362 2.07 18.25 23.15
C ALA A 362 2.54 18.66 24.51
N ALA A 363 1.68 19.37 25.24
CA ALA A 363 1.98 19.86 26.60
C ALA A 363 2.36 18.74 27.58
N THR A 364 1.84 17.53 27.41
CA THR A 364 2.19 16.42 28.30
C THR A 364 2.92 15.24 27.58
N ASP A 365 3.48 15.47 26.40
CA ASP A 365 4.16 14.43 25.62
C ASP A 365 5.58 14.16 26.18
N PRO A 366 5.93 12.91 26.43
CA PRO A 366 7.30 12.59 26.82
C PRO A 366 8.36 12.75 25.74
N LEU A 367 7.96 12.86 24.48
CA LEU A 367 8.89 13.09 23.36
C LEU A 367 9.01 14.59 23.12
N ASN A 368 10.21 15.13 23.23
CA ASN A 368 10.43 16.52 22.88
C ASN A 368 10.91 16.63 21.42
N ILE A 369 9.97 16.80 20.51
CA ILE A 369 10.27 16.81 19.07
C ILE A 369 11.25 17.91 18.69
N ASP A 370 11.10 19.08 19.29
CA ASP A 370 12.01 20.17 19.04
C ASP A 370 13.46 19.87 19.34
N ASN A 371 13.76 18.90 20.21
CA ASN A 371 15.13 18.55 20.51
C ASN A 371 15.65 17.35 19.72
N LEU A 372 14.85 16.75 18.88
CA LEU A 372 15.34 15.65 18.03
C LEU A 372 16.31 16.10 16.94
N SER A 373 17.27 15.25 16.59
CA SER A 373 18.07 15.45 15.39
C SER A 373 18.62 14.09 14.96
N GLY A 374 19.20 14.07 13.76
CA GLY A 374 19.82 12.89 13.19
C GLY A 374 19.02 11.61 13.35
N ASP A 375 19.66 10.59 13.91
CA ASP A 375 19.04 9.28 14.07
C ASP A 375 17.82 9.25 14.95
N ALA A 376 17.82 10.03 16.03
CA ALA A 376 16.67 10.11 16.91
C ALA A 376 15.47 10.66 16.21
N LEU A 377 15.71 11.65 15.36
CA LEU A 377 14.63 12.25 14.56
C LEU A 377 14.08 11.26 13.55
N LYS A 378 14.94 10.59 12.81
CA LYS A 378 14.47 9.58 11.87
C LYS A 378 13.68 8.49 12.56
N GLU A 379 14.18 8.01 13.69
CA GLU A 379 13.49 6.96 14.42
C GLU A 379 12.11 7.43 14.92
N ALA A 380 12.01 8.69 15.36
CA ALA A 380 10.70 9.21 15.77
C ALA A 380 9.73 9.25 14.60
N ILE A 381 10.21 9.57 13.41
CA ILE A 381 9.37 9.57 12.21
C ILE A 381 8.94 8.14 11.85
N TYR A 382 9.90 7.19 11.87
CA TYR A 382 9.56 5.79 11.59
C TYR A 382 8.53 5.23 12.56
N ASN A 383 8.71 5.52 13.86
CA ASN A 383 7.79 5.05 14.88
C ASN A 383 6.40 5.69 14.76
N GLU A 384 6.34 6.97 14.48
CA GLU A 384 5.05 7.63 14.27
C GLU A 384 4.28 7.00 13.09
N LYS A 385 4.99 6.70 12.02
CA LYS A 385 4.44 6.05 10.84
C LYS A 385 3.93 4.64 11.21
N ARG A 386 4.66 3.92 12.05
CA ARG A 386 4.25 2.59 12.51
C ARG A 386 2.92 2.61 13.28
N LEU A 387 2.77 3.61 14.15
CA LEU A 387 1.55 3.75 14.94
C LEU A 387 0.40 4.32 14.11
N GLU A 388 0.66 5.38 13.39
CA GLU A 388 -0.38 5.95 12.53
C GLU A 388 -0.94 4.92 11.52
N PHE A 389 -0.09 4.06 10.93
CA PHE A 389 -0.49 3.17 9.85
C PHE A 389 -0.52 1.69 10.19
N ILE A 390 -0.61 1.39 11.49
CA ILE A 390 -0.84 0.04 11.93
C ILE A 390 -2.10 -0.49 11.26
N GLY A 391 -1.98 -1.66 10.63
CA GLY A 391 -3.10 -2.26 9.91
C GLY A 391 -3.46 -1.67 8.56
N GLU A 392 -2.64 -0.78 8.01
CA GLU A 392 -3.03 -0.04 6.78
C GLU A 392 -2.11 -0.28 5.56
N GLY A 393 -1.55 -1.47 5.46
CA GLY A 393 -0.99 -1.94 4.18
C GLY A 393 0.35 -1.33 3.86
N ILE A 394 1.09 -0.90 4.89
CA ILE A 394 2.27 -0.06 4.72
C ILE A 394 3.52 -0.61 5.38
N ARG A 395 3.39 -1.21 6.57
CA ARG A 395 4.58 -1.47 7.35
C ARG A 395 5.68 -2.32 6.66
N GLY A 396 5.25 -3.41 6.04
CA GLY A 396 6.17 -4.31 5.36
C GLY A 396 6.82 -3.65 4.14
N ILE A 397 6.18 -2.62 3.58
CA ILE A 397 6.79 -1.86 2.50
C ILE A 397 7.89 -0.93 3.04
N ASP A 398 7.62 -0.25 4.16
CA ASP A 398 8.61 0.68 4.71
C ASP A 398 9.88 -0.08 5.12
N ILE A 399 9.71 -1.25 5.74
CA ILE A 399 10.86 -2.06 6.16
C ILE A 399 11.71 -2.47 4.94
N MSE A 400 11.01 -3.00 3.93
CA MSE A 400 11.68 -3.50 2.78
CA MSE A 400 11.60 -3.50 2.70
C MSE A 400 12.35 -2.40 1.96
O MSE A 400 13.50 -2.56 1.58
CB MSE A 400 10.72 -4.26 1.87
CB MSE A 400 10.50 -4.07 1.78
CG MSE A 400 11.46 -5.18 0.91
CG MSE A 400 11.00 -4.76 0.48
SE MSE A 400 10.06 -5.99 -0.13
SE MSE A 400 11.49 -6.64 0.67
CE MSE A 400 11.02 -7.58 -0.73
CE MSE A 400 10.96 -7.29 -1.08
N ARG A 401 11.68 -1.28 1.71
CA ARG A 401 12.30 -0.25 0.86
C ARG A 401 13.55 0.31 1.50
N ARG A 402 13.55 0.38 2.83
CA ARG A 402 14.75 0.79 3.54
C ARG A 402 15.83 -0.30 3.68
N GLY A 403 15.60 -1.50 3.17
CA GLY A 403 16.58 -2.58 3.27
C GLY A 403 16.82 -3.04 4.71
N GLU A 404 15.83 -2.86 5.58
CA GLU A 404 15.94 -3.27 6.96
C GLU A 404 15.62 -4.73 7.12
N HIS A 405 16.14 -5.34 8.20
CA HIS A 405 15.74 -6.68 8.57
CA HIS A 405 15.72 -6.68 8.54
C HIS A 405 14.28 -6.68 9.06
N PHE A 406 13.55 -7.74 8.73
CA PHE A 406 12.28 -8.02 9.34
C PHE A 406 12.59 -8.76 10.63
N ILE A 407 12.36 -8.11 11.76
CA ILE A 407 12.68 -8.65 13.08
C ILE A 407 11.45 -8.73 13.95
N LYS A 408 11.05 -9.95 14.27
CA LYS A 408 9.84 -10.16 15.06
C LYS A 408 10.17 -11.05 16.28
N VAL A 409 10.32 -10.42 17.43
CA VAL A 409 10.77 -11.09 18.65
C VAL A 409 9.51 -11.60 19.34
N GLY A 410 9.34 -12.91 19.34
CA GLY A 410 8.20 -13.54 19.97
C GLY A 410 8.65 -14.25 21.23
N GLU A 411 7.70 -14.77 21.97
CA GLU A 411 7.94 -15.43 23.23
C GLU A 411 8.86 -16.65 23.07
N ASN A 412 8.66 -17.46 22.02
CA ASN A 412 9.38 -18.72 21.85
CA ASN A 412 9.40 -18.71 21.87
C ASN A 412 10.15 -18.85 20.52
N GLU A 413 10.14 -17.81 19.70
CA GLU A 413 10.97 -17.78 18.51
C GLU A 413 11.09 -16.33 18.03
N THR A 414 12.20 -16.01 17.37
CA THR A 414 12.38 -14.72 16.74
C THR A 414 12.58 -14.91 15.24
N ILE A 415 11.78 -14.19 14.46
CA ILE A 415 11.94 -14.05 13.05
C ILE A 415 12.93 -12.95 12.78
N ASN A 416 13.95 -13.24 11.98
CA ASN A 416 15.01 -12.26 11.66
C ASN A 416 15.49 -12.54 10.25
N VAL A 417 14.94 -11.81 9.30
CA VAL A 417 15.17 -12.06 7.88
C VAL A 417 15.66 -10.77 7.25
N GLY A 418 16.82 -10.86 6.60
CA GLY A 418 17.47 -9.71 5.99
C GLY A 418 17.65 -9.84 4.49
N PRO A 419 18.14 -8.78 3.85
CA PRO A 419 18.15 -8.80 2.39
C PRO A 419 19.03 -9.86 1.74
N SER A 420 20.01 -10.44 2.45
CA SER A 420 20.78 -11.54 1.89
CA SER A 420 20.79 -11.54 1.88
C SER A 420 20.10 -12.90 2.01
N ASP A 421 18.96 -12.96 2.72
CA ASP A 421 18.21 -14.20 2.89
C ASP A 421 17.20 -14.39 1.75
N GLU A 422 17.07 -15.63 1.31
CA GLU A 422 16.10 -15.99 0.27
C GLU A 422 14.68 -15.59 0.63
N LYS A 423 14.28 -15.80 1.89
CA LYS A 423 12.91 -15.48 2.32
C LYS A 423 12.63 -13.99 2.61
N TYR A 424 13.61 -13.11 2.32
CA TYR A 424 13.34 -11.68 2.36
C TYR A 424 12.27 -11.30 1.34
N THR A 425 12.28 -12.00 0.20
CA THR A 425 11.37 -11.75 -0.88
C THR A 425 10.50 -12.99 -1.11
N TRP A 426 9.42 -12.80 -1.86
CA TRP A 426 8.60 -13.88 -2.34
C TRP A 426 9.24 -14.41 -3.64
N PRO A 427 9.20 -15.72 -3.85
CA PRO A 427 9.71 -16.24 -5.11
C PRO A 427 8.63 -16.14 -6.19
N ILE A 428 9.05 -16.09 -7.45
CA ILE A 428 8.13 -16.11 -8.57
C ILE A 428 7.27 -17.38 -8.46
N PRO A 429 5.92 -17.24 -8.49
CA PRO A 429 5.07 -18.40 -8.16
C PRO A 429 5.00 -19.44 -9.25
N GLN A 430 4.65 -20.65 -8.84
CA GLN A 430 4.45 -21.77 -9.79
C GLN A 430 3.50 -21.45 -10.94
N VAL A 431 2.43 -20.67 -10.70
CA VAL A 431 1.51 -20.31 -11.79
C VAL A 431 2.25 -19.67 -12.95
N GLU A 432 3.21 -18.79 -12.66
CA GLU A 432 4.02 -18.18 -13.69
C GLU A 432 5.04 -19.15 -14.27
N LEU A 433 5.71 -19.92 -13.41
CA LEU A 433 6.80 -20.79 -13.83
C LEU A 433 6.34 -21.83 -14.85
N LEU A 434 5.08 -22.27 -14.73
CA LEU A 434 4.49 -23.23 -15.68
C LEU A 434 4.35 -22.65 -17.08
N LEU A 435 4.03 -21.36 -17.19
CA LEU A 435 3.73 -20.71 -18.48
C LEU A 435 4.87 -19.90 -19.08
N ASN A 436 5.81 -19.42 -18.26
CA ASN A 436 6.84 -18.50 -18.74
C ASN A 436 8.22 -19.17 -18.79
N LYS A 437 8.64 -19.63 -19.97
CA LYS A 437 9.92 -20.33 -20.09
C LYS A 437 11.11 -19.42 -20.02
N ASP A 438 10.91 -18.10 -20.17
CA ASP A 438 12.01 -17.14 -20.09
C ASP A 438 12.09 -16.45 -18.74
N ILE A 439 11.41 -16.97 -17.72
CA ILE A 439 11.30 -16.28 -16.43
C ILE A 439 12.69 -16.04 -15.84
N ASN A 440 13.60 -16.99 -16.05
CA ASN A 440 14.97 -16.86 -15.52
C ASN A 440 15.99 -16.32 -16.52
N LYS A 441 15.57 -15.81 -17.68
CA LYS A 441 16.51 -15.31 -18.69
C LYS A 441 16.88 -13.83 -18.47
ZN ZN B . -12.63 9.47 -12.70
ZN ZN C . -15.82 11.81 -36.52
ZN ZN D . -5.11 19.71 17.11
ZN ZN E . -13.89 16.95 -10.41
ZN ZN F . 21.77 -7.51 7.94
ZN ZN F . 21.23 -10.20 8.18
ZN ZN G . -5.65 14.23 -25.37
ZN ZN H . 7.35 2.07 -19.67
ZN ZN I . 16.42 -17.92 16.38
ZN ZN J . 11.37 7.90 24.69
C ACT K . 8.25 0.12 -20.93
O ACT K . 7.48 0.95 -21.54
OXT ACT K . 8.33 0.37 -19.71
CH3 ACT K . 8.97 -1.08 -21.55
C ACT L . -4.96 17.07 21.62
O ACT L . -5.49 16.52 22.59
OXT ACT L . -4.62 16.27 20.71
CH3 ACT L . -4.74 18.57 21.57
C ACT M . 21.77 -8.95 5.50
O ACT M . 22.13 -8.92 6.72
OXT ACT M . 20.90 -9.86 5.18
CH3 ACT M . 22.37 -7.98 4.52
C ACT N . -13.31 19.46 -10.95
O ACT N . -13.77 18.82 -10.00
OXT ACT N . -12.82 18.78 -11.95
CH3 ACT N . -13.33 20.99 -10.88
C ACT O . -11.75 13.80 19.08
O ACT O . -10.83 13.10 19.56
OXT ACT O . -12.69 13.11 18.63
CH3 ACT O . -11.77 15.31 19.05
C ACT P . -7.52 12.28 24.29
O ACT P . -6.64 12.90 23.67
OXT ACT P . -7.14 11.79 25.39
CH3 ACT P . -8.94 12.16 23.75
C ACT Q . 18.44 13.56 -3.63
O ACT Q . 19.04 14.33 -4.42
OXT ACT Q . 17.44 14.07 -3.12
CH3 ACT Q . 18.94 12.16 -3.39
C ACT R . -16.51 9.20 -37.20
O ACT R . -17.28 10.18 -37.23
OXT ACT R . -15.39 9.53 -36.78
CH3 ACT R . -16.86 7.78 -37.61
C ACT S . -17.20 14.04 -36.76
O ACT S . -16.49 13.32 -36.06
OXT ACT S . -17.39 13.54 -37.89
CH3 ACT S . -17.75 15.37 -36.30
C1 EDO T . 6.85 20.87 4.15
O1 EDO T . 6.18 20.48 2.95
C2 EDO T . 6.52 22.26 4.69
O2 EDO T . 6.93 23.23 3.72
C1 EDO U . 17.82 -18.96 14.01
O1 EDO U . 17.56 -17.82 13.19
C2 EDO U . 19.28 -18.92 14.45
O2 EDO U . 20.12 -19.48 13.44
C1 EDO V . 19.96 20.42 9.91
O1 EDO V . 18.88 20.12 9.04
C2 EDO V . 21.14 19.50 9.57
O2 EDO V . 21.16 19.16 8.17
C1 EDO W . 5.34 4.91 2.24
O1 EDO W . 4.29 5.33 3.09
C2 EDO W . 5.28 3.43 1.90
O2 EDO W . 6.52 3.19 1.17
C1 EDO X . -11.95 10.41 -35.80
O1 EDO X . -11.96 11.54 -34.89
C2 EDO X . -12.18 9.09 -35.07
O2 EDO X . -13.34 8.40 -35.56
C1 EDO Y . -12.51 2.89 16.00
O1 EDO Y . -12.87 2.78 17.41
C2 EDO Y . -13.63 2.67 14.96
O2 EDO Y . -13.21 1.78 13.91
C1 EDO Z . 8.11 12.52 -13.61
O1 EDO Z . 7.18 13.35 -12.92
C2 EDO Z . 7.76 11.05 -13.68
O2 EDO Z . 6.46 10.70 -13.26
C1 EDO AA . 3.19 21.33 2.92
O1 EDO AA . 3.83 21.75 1.71
C2 EDO AA . 3.30 19.82 3.14
O2 EDO AA . 2.06 19.05 3.18
C1 EDO BA . 19.57 13.64 18.54
O1 EDO BA . 18.24 13.48 19.13
C2 EDO BA . 20.52 12.49 18.14
O2 EDO BA . 20.16 11.34 17.32
#